data_1PHH
#
_entry.id   1PHH
#
_cell.length_a   71.900
_cell.length_b   146.300
_cell.length_c   88.900
_cell.angle_alpha   90.00
_cell.angle_beta   90.00
_cell.angle_gamma   90.00
#
_symmetry.space_group_name_H-M   'C 2 2 21'
#
loop_
_entity.id
_entity.type
_entity.pdbx_description
1 polymer 'P-HYDROXYBENZOATE HYDROXYLASE'
2 non-polymer 'FLAVIN-ADENINE DINUCLEOTIDE'
3 non-polymer '3,4-DIHYDROXYBENZOIC ACID'
4 water water
#
_entity_poly.entity_id   1
_entity_poly.type   'polypeptide(L)'
_entity_poly.pdbx_seq_one_letter_code
;MKTQVAIIGAGPSGLLLGQLLHKAGIDNVILERQTPDYVLGRIRAGVLEQGMVDLLREAGVDRRMARDGLVHEGVEIAFA
GQRRRIDLKRLSGGKTVTVYGQTEVTRDLMEAREACGATTVYQAAEVRLHDLQGERPYVTFERDGERLRLDCDYIAGCDG
FHGISRQSIPAERLKVFERVYPFGWLGLLADTPPVSHELIYANHPRGFALCSQRSATRSRYYVQVPLTEKVEDWSDERFW
TELKARLPAEVAEKLVTGPSLEKSIAPLRSFVVEPMQHGRLFLAGDAAHIVPPTGAKGLNLAASDVSTLYRLLLKAYREG
RGELLERYSAICLRRIWKAERFSWWMTSVLHRFPDTDAFSQRIQQTELEYYLGSEAGLATIAENYVGLPYEEIE
;
_entity_poly.pdbx_strand_id   A
#
loop_
_chem_comp.id
_chem_comp.type
_chem_comp.name
_chem_comp.formula
DHB non-polymer '3,4-DIHYDROXYBENZOIC ACID' 'C7 H6 O4'
FAD non-polymer 'FLAVIN-ADENINE DINUCLEOTIDE' 'C27 H33 N9 O15 P2'
#
# COMPACT_ATOMS: atom_id res chain seq x y z
N MET A 1 30.20 9.17 5.20
CA MET A 1 29.70 9.75 3.96
C MET A 1 28.76 10.90 4.35
N LYS A 2 28.43 11.71 3.36
CA LYS A 2 27.56 12.86 3.51
C LYS A 2 26.65 12.87 2.28
N THR A 3 25.38 13.03 2.58
CA THR A 3 24.27 13.11 1.64
C THR A 3 23.26 14.02 2.35
N GLN A 4 22.20 14.39 1.65
CA GLN A 4 21.16 15.25 2.21
C GLN A 4 20.11 14.52 3.03
N VAL A 5 19.46 13.63 2.31
CA VAL A 5 18.37 12.83 2.89
C VAL A 5 18.93 11.42 2.83
N ALA A 6 18.81 10.76 3.93
CA ALA A 6 19.25 9.36 4.12
C ALA A 6 17.93 8.60 4.27
N ILE A 7 17.65 7.66 3.42
CA ILE A 7 16.44 6.85 3.38
C ILE A 7 16.63 5.45 3.93
N ILE A 8 16.00 5.05 4.96
CA ILE A 8 16.15 3.65 5.42
C ILE A 8 15.00 2.93 4.78
N GLY A 9 15.23 2.08 3.77
CA GLY A 9 14.09 1.37 3.15
C GLY A 9 13.92 1.50 1.64
N ALA A 10 14.24 0.38 0.99
CA ALA A 10 14.15 0.33 -0.49
C ALA A 10 12.80 -0.17 -0.98
N GLY A 11 11.70 -0.04 -0.23
CA GLY A 11 10.43 -0.58 -0.85
C GLY A 11 10.05 0.56 -1.80
N PRO A 12 8.85 0.56 -2.33
CA PRO A 12 8.42 1.64 -3.23
C PRO A 12 8.43 3.02 -2.58
N SER A 13 8.03 3.20 -1.34
CA SER A 13 8.02 4.52 -0.70
C SER A 13 9.41 5.14 -0.81
N GLY A 14 10.36 4.41 -0.27
CA GLY A 14 11.78 4.74 -0.19
C GLY A 14 12.39 5.15 -1.52
N LEU A 15 12.01 4.35 -2.49
CA LEU A 15 12.46 4.54 -3.88
C LEU A 15 11.81 5.77 -4.48
N LEU A 16 10.52 5.94 -4.41
CA LEU A 16 9.83 7.09 -5.01
C LEU A 16 10.45 8.37 -4.47
N LEU A 17 10.44 8.56 -3.17
CA LEU A 17 11.00 9.76 -2.55
C LEU A 17 12.46 9.99 -2.98
N GLY A 18 13.16 8.86 -2.97
CA GLY A 18 14.59 8.92 -3.37
C GLY A 18 14.51 9.39 -4.83
N GLN A 19 13.78 8.61 -5.59
CA GLN A 19 13.55 8.82 -7.00
C GLN A 19 12.70 10.02 -7.30
N LEU A 20 12.57 10.96 -6.41
CA LEU A 20 11.77 12.17 -6.63
C LEU A 20 12.77 13.32 -6.40
N LEU A 21 13.39 13.17 -5.26
CA LEU A 21 14.42 14.01 -4.70
C LEU A 21 15.56 14.13 -5.71
N HIS A 22 16.02 13.00 -6.21
CA HIS A 22 17.15 12.96 -7.13
C HIS A 22 16.96 13.92 -8.29
N LYS A 23 15.77 13.77 -8.85
CA LYS A 23 15.36 14.56 -10.02
C LYS A 23 15.35 16.06 -9.72
N ALA A 24 15.16 16.42 -8.49
CA ALA A 24 15.13 17.82 -8.04
C ALA A 24 16.57 18.29 -7.80
N GLY A 25 17.44 17.42 -7.33
CA GLY A 25 18.84 17.80 -7.06
C GLY A 25 19.21 17.69 -5.59
N ILE A 26 18.41 16.96 -4.84
CA ILE A 26 18.66 16.74 -3.40
C ILE A 26 19.19 15.32 -3.21
N ASP A 27 20.51 15.20 -3.21
CA ASP A 27 21.13 13.88 -3.04
C ASP A 27 20.60 13.18 -1.79
N ASN A 28 20.28 11.93 -1.95
CA ASN A 28 19.78 10.92 -1.02
C ASN A 28 20.58 9.61 -1.14
N VAL A 29 20.62 8.75 -0.15
CA VAL A 29 21.29 7.45 -0.23
C VAL A 29 20.28 6.42 0.30
N ILE A 30 19.91 5.41 -0.48
CA ILE A 30 18.94 4.46 0.15
C ILE A 30 19.70 3.47 1.04
N LEU A 31 19.14 3.17 2.19
CA LEU A 31 19.83 2.22 3.09
C LEU A 31 18.90 1.05 3.31
N GLU A 32 19.17 -0.06 2.66
CA GLU A 32 18.40 -1.31 2.74
C GLU A 32 19.15 -2.51 3.27
N ARG A 33 18.52 -3.19 4.17
CA ARG A 33 18.85 -4.39 4.95
C ARG A 33 18.95 -5.65 4.13
N GLN A 34 18.03 -5.86 3.21
CA GLN A 34 18.00 -7.04 2.31
C GLN A 34 18.76 -6.85 1.00
N THR A 35 18.57 -7.82 0.13
CA THR A 35 19.11 -7.94 -1.23
C THR A 35 18.09 -7.47 -2.25
N PRO A 36 18.52 -7.06 -3.41
CA PRO A 36 17.57 -6.63 -4.45
C PRO A 36 16.70 -7.75 -5.00
N ASP A 37 16.75 -8.95 -4.44
CA ASP A 37 15.93 -10.10 -4.88
C ASP A 37 14.71 -10.13 -3.93
N TYR A 38 15.03 -10.37 -2.68
CA TYR A 38 14.05 -10.45 -1.60
C TYR A 38 13.04 -9.30 -1.69
N VAL A 39 13.52 -8.09 -1.99
CA VAL A 39 12.48 -7.04 -2.09
C VAL A 39 11.67 -7.34 -3.35
N LEU A 40 12.30 -7.81 -4.40
CA LEU A 40 11.61 -8.10 -5.67
C LEU A 40 10.79 -9.37 -5.72
N GLY A 41 10.82 -10.15 -4.68
CA GLY A 41 10.04 -11.43 -4.63
C GLY A 41 8.73 -11.08 -3.91
N ARG A 42 8.78 -9.93 -3.25
CA ARG A 42 7.67 -9.37 -2.50
C ARG A 42 6.56 -9.02 -3.50
N ILE A 43 5.55 -9.85 -3.54
CA ILE A 43 4.40 -9.68 -4.43
C ILE A 43 3.22 -9.16 -3.63
N ARG A 44 2.82 -7.92 -3.82
CA ARG A 44 1.71 -7.38 -3.04
C ARG A 44 0.48 -6.85 -3.75
N ALA A 45 0.50 -5.55 -3.88
CA ALA A 45 -0.53 -4.72 -4.44
C ALA A 45 -0.63 -4.86 -5.95
N GLY A 46 -1.76 -4.48 -6.48
CA GLY A 46 -2.05 -4.51 -7.91
C GLY A 46 -2.72 -3.23 -8.33
N VAL A 47 -3.41 -2.60 -7.42
CA VAL A 47 -4.19 -1.37 -7.61
C VAL A 47 -3.47 -0.14 -7.07
N LEU A 48 -3.34 0.84 -7.98
CA LEU A 48 -2.71 2.13 -7.66
C LEU A 48 -3.74 3.22 -8.05
N GLU A 49 -4.10 4.13 -7.17
CA GLU A 49 -5.07 5.19 -7.51
C GLU A 49 -4.37 6.21 -8.39
N GLN A 50 -5.03 7.06 -9.13
CA GLN A 50 -4.29 8.07 -9.95
C GLN A 50 -3.66 9.04 -8.95
N GLY A 51 -2.59 9.73 -9.27
CA GLY A 51 -2.00 10.66 -8.24
C GLY A 51 -0.74 9.92 -7.77
N MET A 52 -0.83 8.61 -7.65
CA MET A 52 0.32 7.78 -7.28
C MET A 52 0.82 7.34 -8.65
N VAL A 53 -0.02 7.50 -9.65
CA VAL A 53 0.24 7.19 -11.05
C VAL A 53 0.88 8.39 -11.75
N ASP A 54 0.30 9.51 -11.35
CA ASP A 54 0.71 10.84 -11.82
C ASP A 54 2.07 11.12 -11.15
N LEU A 55 2.21 10.53 -9.96
CA LEU A 55 3.45 10.73 -9.21
C LEU A 55 4.55 9.96 -9.94
N LEU A 56 4.22 8.71 -10.22
CA LEU A 56 5.13 7.78 -10.95
C LEU A 56 5.42 8.53 -12.26
N ARG A 57 4.36 9.14 -12.76
CA ARG A 57 4.41 9.96 -13.97
C ARG A 57 5.47 11.06 -13.81
N GLU A 58 5.32 11.79 -12.72
CA GLU A 58 6.24 12.91 -12.39
C GLU A 58 7.60 12.40 -11.93
N ALA A 59 8.05 11.32 -12.57
CA ALA A 59 9.37 10.70 -12.28
C ALA A 59 9.56 9.64 -13.37
N GLY A 60 9.44 8.39 -12.98
CA GLY A 60 9.57 7.32 -13.91
C GLY A 60 9.23 5.89 -13.84
N VAL A 61 8.06 5.61 -14.33
CA VAL A 61 7.26 4.44 -14.61
C VAL A 61 6.07 5.13 -15.35
N ASP A 62 6.47 5.45 -16.55
CA ASP A 62 5.65 6.09 -17.55
C ASP A 62 5.61 4.99 -18.66
N ARG A 63 6.82 4.83 -19.16
CA ARG A 63 7.05 3.87 -20.25
C ARG A 63 6.24 2.61 -19.99
N ARG A 64 6.76 1.71 -19.18
CA ARG A 64 6.10 0.45 -18.88
C ARG A 64 4.69 0.51 -18.35
N MET A 65 4.27 1.45 -17.52
CA MET A 65 2.84 1.32 -17.11
C MET A 65 1.94 1.98 -18.14
N ALA A 66 2.42 2.99 -18.85
CA ALA A 66 1.59 3.60 -19.89
C ALA A 66 1.35 2.41 -20.84
N ARG A 67 2.41 1.61 -20.95
CA ARG A 67 2.43 0.41 -21.78
C ARG A 67 1.66 -0.76 -21.19
N ASP A 68 2.09 -1.44 -20.17
CA ASP A 68 1.50 -2.58 -19.50
C ASP A 68 0.56 -2.50 -18.30
N GLY A 69 -0.40 -1.66 -18.04
CA GLY A 69 -1.20 -1.77 -16.82
C GLY A 69 -2.67 -1.50 -17.17
N LEU A 70 -3.56 -2.41 -16.84
CA LEU A 70 -4.99 -2.31 -17.09
C LEU A 70 -5.59 -1.14 -16.31
N VAL A 71 -6.15 -0.20 -17.06
CA VAL A 71 -6.82 0.98 -16.47
C VAL A 71 -8.27 0.50 -16.32
N HIS A 72 -8.78 0.65 -15.12
CA HIS A 72 -10.13 0.22 -14.73
C HIS A 72 -11.10 1.34 -14.36
N GLU A 73 -12.27 1.18 -14.95
CA GLU A 73 -13.32 2.17 -14.72
C GLU A 73 -14.41 1.75 -13.75
N GLY A 74 -14.32 0.54 -13.22
CA GLY A 74 -15.33 0.05 -12.26
C GLY A 74 -14.85 -1.17 -11.51
N VAL A 75 -15.60 -1.54 -10.50
CA VAL A 75 -15.44 -2.71 -9.64
C VAL A 75 -16.90 -3.28 -9.56
N GLU A 76 -16.93 -4.49 -9.06
CA GLU A 76 -18.20 -5.20 -8.85
C GLU A 76 -18.08 -5.70 -7.39
N ILE A 77 -19.24 -5.73 -6.76
CA ILE A 77 -19.38 -6.19 -5.37
C ILE A 77 -20.57 -7.15 -5.42
N ALA A 78 -20.39 -8.38 -5.06
CA ALA A 78 -21.42 -9.42 -5.04
C ALA A 78 -21.81 -9.65 -3.58
N PHE A 79 -23.07 -9.98 -3.28
CA PHE A 79 -23.47 -10.21 -1.87
C PHE A 79 -24.76 -11.03 -1.81
N ALA A 80 -24.57 -12.33 -1.83
CA ALA A 80 -25.65 -13.32 -1.78
C ALA A 80 -26.88 -12.73 -2.48
N GLY A 81 -26.93 -13.05 -3.74
CA GLY A 81 -28.01 -12.60 -4.64
C GLY A 81 -27.25 -12.46 -5.99
N GLN A 82 -26.57 -11.32 -6.09
CA GLN A 82 -25.81 -11.07 -7.32
C GLN A 82 -24.69 -10.03 -7.22
N ARG A 83 -24.09 -9.85 -8.38
CA ARG A 83 -22.99 -8.95 -8.71
C ARG A 83 -23.56 -7.55 -8.96
N ARG A 84 -22.91 -6.56 -8.41
CA ARG A 84 -23.25 -5.14 -8.54
C ARG A 84 -21.98 -4.33 -8.81
N ARG A 85 -22.06 -3.69 -9.94
CA ARG A 85 -21.07 -2.85 -10.61
C ARG A 85 -21.10 -1.42 -10.10
N ILE A 86 -19.92 -0.83 -10.03
CA ILE A 86 -19.86 0.56 -9.51
C ILE A 86 -19.60 1.64 -10.53
N ASP A 87 -18.83 1.52 -11.54
CA ASP A 87 -18.62 2.63 -12.49
C ASP A 87 -18.06 3.81 -11.66
N LEU A 88 -16.79 3.62 -11.42
CA LEU A 88 -15.94 4.56 -10.72
C LEU A 88 -15.95 5.87 -11.53
N LYS A 89 -15.60 5.86 -12.81
CA LYS A 89 -15.57 7.12 -13.56
C LYS A 89 -16.80 8.00 -13.45
N ARG A 90 -18.00 7.51 -13.72
CA ARG A 90 -19.23 8.31 -13.67
C ARG A 90 -19.72 8.49 -12.25
N LEU A 91 -19.08 7.84 -11.30
CA LEU A 91 -19.50 8.01 -9.90
C LEU A 91 -18.51 8.94 -9.18
N SER A 92 -17.26 8.84 -9.59
CA SER A 92 -16.14 9.60 -9.05
C SER A 92 -15.91 10.98 -9.64
N GLY A 93 -16.77 11.46 -10.52
CA GLY A 93 -16.55 12.80 -11.09
C GLY A 93 -15.58 12.67 -12.27
N GLY A 94 -15.29 11.44 -12.67
CA GLY A 94 -14.42 11.22 -13.80
C GLY A 94 -13.05 10.63 -13.56
N LYS A 95 -12.85 9.92 -12.47
CA LYS A 95 -11.53 9.30 -12.21
C LYS A 95 -11.60 7.79 -12.40
N THR A 96 -10.50 7.07 -12.24
CA THR A 96 -10.41 5.62 -12.40
C THR A 96 -9.20 5.10 -11.64
N VAL A 97 -8.77 3.88 -11.83
CA VAL A 97 -7.63 3.25 -11.20
C VAL A 97 -7.00 2.29 -12.23
N THR A 98 -5.70 2.13 -12.05
CA THR A 98 -4.87 1.24 -12.85
C THR A 98 -4.35 0.06 -12.02
N VAL A 99 -4.40 -1.14 -12.55
CA VAL A 99 -3.87 -2.32 -11.85
C VAL A 99 -2.52 -2.50 -12.56
N TYR A 100 -1.47 -1.98 -11.92
CA TYR A 100 -0.14 -2.15 -12.55
C TYR A 100 0.50 -3.36 -11.85
N GLY A 101 0.75 -3.26 -10.57
CA GLY A 101 1.34 -4.32 -9.76
C GLY A 101 2.53 -3.73 -8.98
N GLN A 102 2.48 -3.79 -7.67
CA GLN A 102 3.50 -3.26 -6.77
C GLN A 102 4.96 -3.61 -7.02
N THR A 103 5.12 -4.90 -7.23
CA THR A 103 6.45 -5.49 -7.45
C THR A 103 7.00 -4.99 -8.78
N GLU A 104 6.13 -4.51 -9.64
CA GLU A 104 6.59 -3.96 -10.94
C GLU A 104 7.04 -2.51 -10.77
N VAL A 105 6.18 -1.71 -10.15
CA VAL A 105 6.50 -0.27 -9.97
C VAL A 105 7.79 -0.14 -9.16
N THR A 106 8.08 -1.25 -8.48
CA THR A 106 9.26 -1.32 -7.64
C THR A 106 10.46 -1.61 -8.49
N ARG A 107 10.38 -2.52 -9.43
CA ARG A 107 11.49 -2.89 -10.31
C ARG A 107 11.89 -1.78 -11.28
N ASP A 108 10.99 -0.90 -11.59
CA ASP A 108 11.18 0.27 -12.47
C ASP A 108 11.97 1.37 -11.72
N LEU A 109 11.72 1.54 -10.44
CA LEU A 109 12.37 2.52 -9.59
C LEU A 109 13.79 2.00 -9.29
N MET A 110 13.92 0.68 -9.28
CA MET A 110 15.28 0.18 -9.03
C MET A 110 16.01 0.30 -10.37
N GLU A 111 15.24 0.31 -11.44
CA GLU A 111 15.68 0.40 -12.82
C GLU A 111 16.28 1.81 -13.02
N ALA A 112 15.38 2.75 -13.02
CA ALA A 112 15.68 4.15 -13.21
C ALA A 112 16.67 4.73 -12.21
N ARG A 113 16.71 4.25 -10.97
CA ARG A 113 17.60 4.76 -9.93
C ARG A 113 19.03 4.34 -10.27
N GLU A 114 19.09 3.15 -10.81
CA GLU A 114 20.32 2.50 -11.17
C GLU A 114 21.12 3.25 -12.22
N ALA A 115 20.37 3.84 -13.13
CA ALA A 115 20.98 4.60 -14.23
C ALA A 115 21.26 6.08 -13.94
N CYS A 116 20.86 6.61 -12.82
CA CYS A 116 21.13 8.02 -12.50
C CYS A 116 22.49 8.12 -11.82
N GLY A 117 22.84 7.05 -11.11
CA GLY A 117 24.09 6.94 -10.36
C GLY A 117 23.83 7.12 -8.86
N ALA A 118 22.55 7.27 -8.51
CA ALA A 118 22.16 7.45 -7.10
C ALA A 118 22.39 6.18 -6.29
N THR A 119 23.07 6.41 -5.19
CA THR A 119 23.53 5.52 -4.16
C THR A 119 22.43 4.67 -3.55
N THR A 120 22.80 3.45 -3.25
CA THR A 120 21.90 2.48 -2.64
C THR A 120 22.70 1.40 -1.94
N VAL A 121 22.84 1.52 -0.63
CA VAL A 121 23.57 0.46 0.09
C VAL A 121 22.64 -0.69 0.50
N TYR A 122 22.68 -1.71 -0.36
CA TYR A 122 21.91 -2.93 -0.14
C TYR A 122 22.60 -3.70 0.99
N GLN A 123 21.99 -4.79 1.42
CA GLN A 123 22.54 -5.64 2.48
C GLN A 123 23.22 -4.82 3.57
N ALA A 124 22.49 -3.86 4.11
CA ALA A 124 23.03 -2.99 5.18
C ALA A 124 22.33 -3.33 6.50
N ALA A 125 23.03 -4.12 7.27
CA ALA A 125 22.57 -4.58 8.58
C ALA A 125 23.00 -3.61 9.66
N GLU A 126 22.29 -3.65 10.78
CA GLU A 126 22.53 -2.79 11.93
C GLU A 126 22.22 -1.32 11.71
N VAL A 127 21.46 -0.93 10.70
CA VAL A 127 21.14 0.51 10.58
C VAL A 127 20.68 0.98 11.98
N ARG A 128 21.07 2.19 12.33
CA ARG A 128 20.76 2.85 13.56
C ARG A 128 20.72 4.35 13.26
N LEU A 129 19.80 4.99 13.94
CA LEU A 129 19.67 6.46 13.83
C LEU A 129 20.18 7.09 15.13
N HIS A 130 20.98 8.13 14.93
CA HIS A 130 21.57 8.93 16.01
C HIS A 130 21.35 10.43 15.80
N ASP A 131 21.11 11.24 16.81
CA ASP A 131 20.90 12.69 16.76
C ASP A 131 19.61 13.33 16.22
N LEU A 132 18.51 12.62 16.22
CA LEU A 132 17.18 13.04 15.75
C LEU A 132 16.89 14.50 15.97
N GLN A 133 16.75 14.82 17.25
CA GLN A 133 16.57 16.23 17.66
C GLN A 133 18.07 16.53 17.85
N GLY A 134 18.62 17.28 16.97
CA GLY A 134 20.05 17.65 16.95
C GLY A 134 20.07 18.58 15.72
N GLU A 135 21.19 19.15 15.35
CA GLU A 135 21.13 20.05 14.18
C GLU A 135 21.79 19.35 13.02
N ARG A 136 22.30 18.17 13.30
CA ARG A 136 22.97 17.34 12.29
C ARG A 136 22.88 15.88 12.73
N PRO A 137 21.85 15.22 12.21
CA PRO A 137 21.62 13.81 12.49
C PRO A 137 22.71 12.96 11.80
N TYR A 138 22.74 11.67 12.12
CA TYR A 138 23.66 10.72 11.53
C TYR A 138 23.05 9.31 11.66
N VAL A 139 23.25 8.52 10.61
CA VAL A 139 22.82 7.13 10.49
C VAL A 139 24.10 6.26 10.44
N THR A 140 24.04 5.08 11.01
CA THR A 140 25.05 4.05 11.17
C THR A 140 24.62 2.63 10.85
N PHE A 141 25.27 2.02 9.87
CA PHE A 141 25.06 0.67 9.38
C PHE A 141 26.37 -0.12 9.25
N GLU A 142 26.26 -1.44 9.32
CA GLU A 142 27.39 -2.36 9.21
C GLU A 142 27.43 -3.00 7.82
N ARG A 143 28.55 -2.82 7.12
CA ARG A 143 28.71 -3.43 5.79
C ARG A 143 29.76 -4.55 5.85
N ASP A 144 30.23 -4.84 7.04
CA ASP A 144 31.21 -5.89 7.35
C ASP A 144 31.20 -6.36 8.81
N GLY A 145 32.02 -5.61 9.46
CA GLY A 145 32.45 -5.45 10.85
C GLY A 145 32.32 -3.89 10.75
N GLU A 146 32.65 -3.59 9.50
CA GLU A 146 32.71 -2.27 8.90
C GLU A 146 31.45 -1.45 9.15
N ARG A 147 31.51 -0.92 10.36
CA ARG A 147 30.49 -0.01 10.92
C ARG A 147 30.90 1.27 10.18
N LEU A 148 29.97 1.83 9.46
CA LEU A 148 30.05 3.03 8.65
C LEU A 148 29.12 4.07 9.26
N ARG A 149 29.39 5.31 8.92
CA ARG A 149 28.63 6.46 9.42
C ARG A 149 28.28 7.45 8.31
N LEU A 150 26.98 7.64 8.15
CA LEU A 150 26.45 8.55 7.13
C LEU A 150 25.73 9.69 7.84
N ASP A 151 26.32 10.86 7.70
CA ASP A 151 25.77 12.10 8.29
C ASP A 151 24.93 12.65 7.13
N CYS A 152 23.72 12.97 7.49
CA CYS A 152 22.72 13.52 6.57
C CYS A 152 22.20 14.76 7.31
N ASP A 153 21.23 15.39 6.72
CA ASP A 153 20.55 16.59 7.23
C ASP A 153 19.16 16.15 7.75
N TYR A 154 18.58 15.20 7.00
CA TYR A 154 17.26 14.65 7.30
C TYR A 154 17.22 13.15 7.06
N ILE A 155 16.56 12.42 7.93
CA ILE A 155 16.37 10.97 7.83
C ILE A 155 14.87 10.72 7.64
N ALA A 156 14.55 10.03 6.58
CA ALA A 156 13.17 9.66 6.22
C ALA A 156 13.01 8.14 6.37
N GLY A 157 12.12 7.75 7.28
CA GLY A 157 11.84 6.34 7.58
C GLY A 157 10.82 5.75 6.61
N CYS A 158 11.29 4.86 5.74
CA CYS A 158 10.39 4.24 4.73
C CYS A 158 10.61 2.72 4.86
N ASP A 159 10.92 2.44 6.10
CA ASP A 159 11.25 1.17 6.67
C ASP A 159 10.18 0.09 6.66
N GLY A 160 8.95 0.56 6.68
CA GLY A 160 7.81 -0.39 6.71
C GLY A 160 7.50 -0.67 8.17
N PHE A 161 6.35 -1.27 8.39
CA PHE A 161 5.86 -1.62 9.72
C PHE A 161 6.85 -2.07 10.78
N HIS A 162 7.72 -2.96 10.39
CA HIS A 162 8.76 -3.62 11.17
C HIS A 162 10.12 -2.97 10.89
N GLY A 163 10.07 -1.67 10.92
CA GLY A 163 11.30 -0.89 10.65
C GLY A 163 11.99 -0.52 11.96
N ILE A 164 13.06 0.25 11.82
CA ILE A 164 13.80 0.69 13.01
C ILE A 164 13.65 2.17 13.25
N SER A 165 13.02 2.96 12.39
CA SER A 165 12.88 4.40 12.62
C SER A 165 11.85 4.59 13.74
N ARG A 166 10.64 4.11 13.49
CA ARG A 166 9.57 4.25 14.47
C ARG A 166 10.10 3.89 15.84
N GLN A 167 10.50 2.69 16.11
CA GLN A 167 10.98 2.38 17.47
C GLN A 167 12.01 3.40 17.96
N SER A 168 12.83 3.95 17.08
CA SER A 168 13.82 4.93 17.54
C SER A 168 13.22 6.30 17.80
N ILE A 169 11.99 6.32 18.27
CA ILE A 169 11.31 7.56 18.61
C ILE A 169 10.76 7.42 20.06
N PRO A 170 11.33 8.24 20.92
CA PRO A 170 10.96 8.33 22.33
C PRO A 170 9.46 8.11 22.48
N ALA A 171 9.07 6.88 22.74
CA ALA A 171 7.69 6.45 22.90
C ALA A 171 6.69 7.45 23.45
N GLU A 172 7.00 8.17 24.52
CA GLU A 172 6.06 9.14 25.08
C GLU A 172 5.87 10.21 24.00
N ARG A 173 6.67 10.18 22.96
CA ARG A 173 6.48 11.20 21.91
C ARG A 173 5.43 10.73 20.90
N LEU A 174 5.05 9.48 20.98
CA LEU A 174 4.09 8.89 20.06
C LEU A 174 2.78 8.42 20.71
N LYS A 175 1.83 8.34 19.76
CA LYS A 175 0.45 7.90 20.01
C LYS A 175 -0.05 6.91 18.95
N VAL A 176 -0.16 5.66 19.37
CA VAL A 176 -0.63 4.53 18.57
C VAL A 176 -2.15 4.34 18.64
N PHE A 177 -2.72 3.73 17.61
CA PHE A 177 -4.18 3.44 17.47
C PHE A 177 -4.17 2.23 16.51
N GLU A 178 -4.77 1.13 16.91
CA GLU A 178 -4.73 -0.05 16.03
C GLU A 178 -5.74 -1.11 16.34
N ARG A 179 -6.18 -1.73 15.27
CA ARG A 179 -7.18 -2.80 15.30
C ARG A 179 -6.58 -3.95 14.50
N VAL A 180 -6.50 -5.03 15.25
CA VAL A 180 -5.97 -6.32 14.71
C VAL A 180 -7.27 -7.07 14.46
N TYR A 181 -7.63 -7.15 13.19
CA TYR A 181 -8.85 -7.79 12.70
C TYR A 181 -8.69 -9.31 12.80
N PRO A 182 -9.76 -10.01 13.14
CA PRO A 182 -9.79 -11.45 13.29
C PRO A 182 -9.86 -12.36 12.08
N PHE A 183 -8.96 -12.21 11.12
CA PHE A 183 -8.98 -13.09 9.92
C PHE A 183 -7.80 -12.52 9.14
N GLY A 184 -7.23 -13.32 8.26
CA GLY A 184 -6.08 -12.92 7.45
C GLY A 184 -6.56 -12.97 6.01
N TRP A 185 -5.68 -13.00 5.04
CA TRP A 185 -6.16 -13.09 3.64
C TRP A 185 -5.24 -14.17 3.07
N LEU A 186 -5.85 -15.08 2.29
CA LEU A 186 -5.02 -16.13 1.67
C LEU A 186 -4.84 -15.73 0.20
N GLY A 187 -3.63 -15.36 -0.20
CA GLY A 187 -3.44 -14.99 -1.60
C GLY A 187 -3.11 -16.13 -2.53
N LEU A 188 -3.37 -15.97 -3.83
CA LEU A 188 -3.00 -17.07 -4.77
C LEU A 188 -2.85 -16.43 -6.15
N LEU A 189 -1.58 -16.18 -6.44
CA LEU A 189 -1.09 -15.62 -7.69
C LEU A 189 -0.85 -16.84 -8.59
N ALA A 190 -1.64 -16.87 -9.64
CA ALA A 190 -1.62 -17.94 -10.65
C ALA A 190 -1.48 -17.21 -11.99
N ASP A 191 -0.67 -17.82 -12.84
CA ASP A 191 -0.43 -17.23 -14.17
C ASP A 191 -0.17 -18.33 -15.19
N THR A 192 -1.21 -18.45 -15.94
CA THR A 192 -1.36 -19.34 -17.08
C THR A 192 -2.83 -19.04 -17.37
N PRO A 193 -3.53 -18.90 -16.25
CA PRO A 193 -4.96 -18.64 -16.36
C PRO A 193 -5.33 -17.18 -16.45
N PRO A 194 -6.28 -17.01 -17.38
CA PRO A 194 -6.90 -15.70 -17.61
C PRO A 194 -7.84 -15.45 -16.42
N VAL A 195 -8.17 -14.19 -16.28
CA VAL A 195 -9.05 -13.62 -15.24
C VAL A 195 -10.48 -13.43 -15.74
N SER A 196 -11.23 -12.83 -14.84
CA SER A 196 -12.64 -12.34 -14.92
C SER A 196 -12.32 -10.84 -14.80
N HIS A 197 -12.44 -10.04 -15.80
CA HIS A 197 -12.23 -8.70 -16.20
C HIS A 197 -12.24 -7.41 -15.44
N GLU A 198 -12.91 -7.32 -14.33
CA GLU A 198 -12.98 -6.14 -13.45
C GLU A 198 -12.63 -6.74 -12.09
N LEU A 199 -12.76 -6.01 -11.01
CA LEU A 199 -12.40 -6.66 -9.72
C LEU A 199 -13.70 -7.23 -9.14
N ILE A 200 -13.71 -8.41 -8.57
CA ILE A 200 -15.01 -8.82 -8.01
C ILE A 200 -14.69 -8.93 -6.52
N TYR A 201 -15.44 -8.17 -5.77
CA TYR A 201 -15.35 -8.18 -4.28
C TYR A 201 -16.47 -9.09 -3.81
N ALA A 202 -16.32 -9.83 -2.74
CA ALA A 202 -17.44 -10.71 -2.39
C ALA A 202 -17.79 -10.97 -0.96
N ASN A 203 -19.11 -10.81 -0.74
CA ASN A 203 -19.63 -11.07 0.63
C ASN A 203 -20.50 -12.33 0.51
N HIS A 204 -19.89 -13.45 0.77
CA HIS A 204 -20.44 -14.80 0.74
C HIS A 204 -20.37 -15.22 2.20
N PRO A 205 -21.28 -16.01 2.70
CA PRO A 205 -21.31 -16.42 4.11
C PRO A 205 -20.16 -17.30 4.55
N ARG A 206 -19.36 -17.84 3.67
CA ARG A 206 -18.25 -18.71 4.04
C ARG A 206 -16.99 -17.89 4.32
N GLY A 207 -17.17 -16.61 4.13
CA GLY A 207 -16.19 -15.53 4.24
C GLY A 207 -16.08 -14.82 2.88
N PHE A 208 -15.19 -13.86 2.82
CA PHE A 208 -14.87 -13.00 1.68
C PHE A 208 -13.84 -13.61 0.75
N ALA A 209 -14.05 -13.33 -0.50
CA ALA A 209 -13.25 -13.80 -1.64
C ALA A 209 -12.89 -12.58 -2.48
N LEU A 210 -11.87 -12.67 -3.30
CA LEU A 210 -11.46 -11.51 -4.11
C LEU A 210 -10.69 -11.95 -5.34
N CYS A 211 -11.33 -11.76 -6.46
CA CYS A 211 -10.76 -12.09 -7.78
C CYS A 211 -10.09 -10.82 -8.29
N SER A 212 -8.82 -10.93 -8.63
CA SER A 212 -8.01 -9.82 -9.14
C SER A 212 -6.99 -10.33 -10.14
N GLN A 213 -6.43 -9.42 -10.86
CA GLN A 213 -5.48 -9.35 -11.93
C GLN A 213 -4.15 -8.64 -11.62
N ARG A 214 -3.26 -9.03 -12.52
CA ARG A 214 -1.88 -8.59 -12.60
C ARG A 214 -1.46 -8.35 -14.04
N SER A 215 -2.03 -9.17 -14.91
CA SER A 215 -1.90 -9.21 -16.37
C SER A 215 -3.19 -9.80 -16.96
N ALA A 216 -3.22 -9.96 -18.27
CA ALA A 216 -4.38 -10.48 -19.01
C ALA A 216 -4.42 -12.01 -19.10
N THR A 217 -3.42 -12.56 -18.45
CA THR A 217 -3.20 -14.00 -18.36
C THR A 217 -2.35 -14.17 -17.10
N ARG A 218 -2.89 -13.50 -16.09
CA ARG A 218 -2.39 -13.47 -14.73
C ARG A 218 -3.48 -13.03 -13.73
N SER A 219 -3.63 -13.92 -12.74
CA SER A 219 -4.64 -13.68 -11.69
C SER A 219 -4.05 -13.60 -10.29
N ARG A 220 -4.78 -12.86 -9.48
CA ARG A 220 -4.59 -12.58 -8.08
C ARG A 220 -5.94 -12.82 -7.38
N TYR A 221 -5.93 -13.85 -6.56
CA TYR A 221 -7.13 -14.26 -5.79
C TYR A 221 -6.77 -14.38 -4.32
N TYR A 222 -7.76 -14.17 -3.47
CA TYR A 222 -7.67 -14.18 -2.02
C TYR A 222 -9.04 -14.66 -1.53
N VAL A 223 -8.92 -15.19 -0.33
CA VAL A 223 -10.18 -15.66 0.33
C VAL A 223 -9.91 -15.41 1.82
N GLN A 224 -10.88 -14.90 2.54
CA GLN A 224 -10.64 -14.68 3.99
C GLN A 224 -10.54 -16.04 4.68
N VAL A 225 -9.57 -16.05 5.60
CA VAL A 225 -9.30 -17.26 6.42
C VAL A 225 -8.97 -16.84 7.84
N PRO A 226 -9.26 -17.69 8.83
CA PRO A 226 -8.94 -17.43 10.24
C PRO A 226 -7.43 -17.26 10.40
N LEU A 227 -6.88 -16.87 11.54
CA LEU A 227 -5.47 -16.67 11.77
C LEU A 227 -4.52 -17.83 12.09
N THR A 228 -3.33 -17.66 11.50
CA THR A 228 -2.16 -18.57 11.64
C THR A 228 -2.48 -20.01 11.23
N GLU A 229 -3.74 -20.17 10.84
CA GLU A 229 -4.28 -21.44 10.34
C GLU A 229 -3.31 -21.55 9.14
N LYS A 230 -2.50 -22.55 9.08
CA LYS A 230 -1.47 -22.80 8.11
C LYS A 230 -1.81 -22.89 6.63
N VAL A 231 -0.90 -22.27 5.86
CA VAL A 231 -1.01 -22.22 4.39
C VAL A 231 -0.55 -23.59 3.85
N GLU A 232 0.36 -24.19 4.63
CA GLU A 232 0.92 -25.51 4.31
C GLU A 232 -0.24 -26.50 4.22
N ASP A 233 -1.37 -26.01 4.67
CA ASP A 233 -2.65 -26.69 4.73
C ASP A 233 -3.62 -26.42 3.58
N TRP A 234 -3.39 -25.27 2.96
CA TRP A 234 -4.25 -24.84 1.82
C TRP A 234 -3.76 -25.69 0.68
N SER A 235 -4.18 -25.46 -0.53
CA SER A 235 -3.69 -26.30 -1.65
C SER A 235 -4.03 -25.46 -2.88
N ASP A 236 -3.71 -25.97 -4.05
CA ASP A 236 -4.11 -25.11 -5.20
C ASP A 236 -5.57 -25.56 -5.32
N GLU A 237 -5.63 -26.89 -5.38
CA GLU A 237 -6.92 -27.55 -5.53
C GLU A 237 -7.90 -27.19 -4.44
N ARG A 238 -7.50 -27.04 -3.21
CA ARG A 238 -8.29 -26.67 -2.03
C ARG A 238 -8.63 -25.18 -2.01
N PHE A 239 -7.85 -24.44 -2.79
CA PHE A 239 -8.05 -22.99 -2.92
C PHE A 239 -9.17 -22.81 -3.98
N TRP A 240 -8.85 -23.39 -5.13
CA TRP A 240 -9.75 -23.34 -6.30
C TRP A 240 -11.14 -23.77 -5.90
N THR A 241 -11.22 -24.71 -4.98
CA THR A 241 -12.55 -25.21 -4.58
C THR A 241 -13.27 -24.30 -3.60
N GLU A 242 -12.59 -23.50 -2.82
CA GLU A 242 -13.22 -22.57 -1.87
C GLU A 242 -13.53 -21.21 -2.49
N LEU A 243 -12.67 -20.85 -3.41
CA LEU A 243 -12.88 -19.54 -4.07
C LEU A 243 -14.20 -19.86 -4.76
N LYS A 244 -14.14 -20.79 -5.70
CA LYS A 244 -15.34 -21.17 -6.46
C LYS A 244 -16.55 -21.13 -5.56
N ALA A 245 -16.43 -21.73 -4.41
CA ALA A 245 -17.43 -21.83 -3.37
C ALA A 245 -18.06 -20.55 -2.86
N ARG A 246 -17.41 -19.42 -3.04
CA ARG A 246 -17.97 -18.14 -2.58
C ARG A 246 -18.36 -17.24 -3.73
N LEU A 247 -18.69 -17.78 -4.88
CA LEU A 247 -19.07 -16.94 -6.03
C LEU A 247 -20.31 -17.46 -6.79
N PRO A 248 -20.84 -16.57 -7.66
CA PRO A 248 -22.01 -16.81 -8.45
C PRO A 248 -22.29 -17.50 -9.75
N ALA A 249 -21.80 -17.04 -10.88
CA ALA A 249 -22.02 -17.58 -12.25
C ALA A 249 -20.88 -17.01 -13.12
N GLU A 250 -19.92 -16.62 -12.31
CA GLU A 250 -18.64 -16.04 -12.59
C GLU A 250 -17.63 -17.16 -12.29
N VAL A 251 -18.08 -18.00 -11.40
CA VAL A 251 -17.40 -19.14 -10.83
C VAL A 251 -17.32 -20.47 -11.50
N ALA A 252 -17.75 -20.74 -12.71
CA ALA A 252 -17.63 -22.17 -13.11
C ALA A 252 -16.92 -22.50 -14.40
N GLU A 253 -17.71 -22.35 -15.43
CA GLU A 253 -17.29 -22.60 -16.83
C GLU A 253 -16.45 -21.38 -17.21
N LYS A 254 -16.75 -20.34 -16.44
CA LYS A 254 -16.17 -19.02 -16.46
C LYS A 254 -14.78 -18.95 -15.86
N LEU A 255 -14.56 -19.56 -14.71
CA LEU A 255 -13.25 -19.55 -14.03
C LEU A 255 -12.34 -20.68 -14.53
N VAL A 256 -11.06 -20.35 -14.63
CA VAL A 256 -9.99 -21.25 -15.02
C VAL A 256 -8.92 -21.03 -13.93
N THR A 257 -8.49 -22.19 -13.53
CA THR A 257 -7.53 -22.52 -12.49
C THR A 257 -6.20 -22.98 -13.04
N GLY A 258 -5.36 -23.46 -12.13
CA GLY A 258 -4.00 -23.95 -12.42
C GLY A 258 -3.20 -23.99 -11.12
N PRO A 259 -1.95 -24.40 -11.27
CA PRO A 259 -1.05 -24.48 -10.09
C PRO A 259 -0.74 -23.01 -9.77
N SER A 260 -0.39 -22.72 -8.53
CA SER A 260 -0.14 -21.33 -8.18
C SER A 260 1.29 -20.93 -8.49
N LEU A 261 1.42 -19.73 -9.08
CA LEU A 261 2.79 -19.21 -9.34
C LEU A 261 3.17 -19.11 -7.84
N GLU A 262 4.02 -20.01 -7.47
CA GLU A 262 4.38 -20.15 -6.08
C GLU A 262 4.44 -18.94 -5.21
N LYS A 263 3.24 -18.38 -5.08
CA LYS A 263 2.85 -17.24 -4.28
C LYS A 263 1.55 -17.65 -3.58
N SER A 264 1.55 -17.70 -2.26
CA SER A 264 0.47 -18.05 -1.32
C SER A 264 0.73 -17.45 0.08
N ILE A 265 -0.13 -16.67 0.74
CA ILE A 265 0.13 -16.10 2.07
C ILE A 265 -1.00 -15.66 3.01
N ALA A 266 -0.76 -14.69 3.91
CA ALA A 266 -1.48 -14.06 4.99
C ALA A 266 -1.70 -12.59 5.36
N PRO A 267 -2.21 -12.23 6.52
CA PRO A 267 -2.62 -11.13 7.35
C PRO A 267 -2.95 -9.65 7.30
N LEU A 268 -3.94 -9.27 8.15
CA LEU A 268 -4.44 -7.89 8.26
C LEU A 268 -4.95 -7.28 9.58
N ARG A 269 -4.71 -5.95 9.56
CA ARG A 269 -4.96 -4.96 10.59
C ARG A 269 -4.90 -3.51 10.19
N SER A 270 -5.32 -2.61 11.07
CA SER A 270 -5.31 -1.16 10.99
C SER A 270 -4.40 -0.70 12.16
N PHE A 271 -3.52 0.25 11.92
CA PHE A 271 -2.60 0.81 12.88
C PHE A 271 -2.21 2.25 12.46
N VAL A 272 -2.06 3.12 13.42
CA VAL A 272 -1.61 4.49 13.10
C VAL A 272 -0.88 5.14 14.27
N VAL A 273 0.27 5.73 13.93
CA VAL A 273 1.05 6.44 14.96
C VAL A 273 0.78 7.94 14.64
N GLU A 274 0.79 8.62 15.77
CA GLU A 274 0.56 10.08 15.75
C GLU A 274 1.48 10.59 16.86
N PRO A 275 2.39 11.49 16.60
CA PRO A 275 2.68 12.09 15.28
C PRO A 275 3.61 11.21 14.45
N MET A 276 3.72 11.49 13.17
CA MET A 276 4.58 10.75 12.24
C MET A 276 6.01 11.31 12.17
N GLN A 277 6.36 12.23 13.02
CA GLN A 277 7.54 13.02 13.26
C GLN A 277 8.25 13.07 14.60
N HIS A 278 9.57 13.25 14.46
CA HIS A 278 10.54 13.37 15.55
C HIS A 278 11.79 14.11 15.07
N GLY A 279 12.07 15.23 15.70
CA GLY A 279 13.24 16.04 15.32
C GLY A 279 13.42 16.03 13.79
N ARG A 280 14.44 15.30 13.34
CA ARG A 280 14.73 15.22 11.90
C ARG A 280 14.42 13.89 11.25
N LEU A 281 13.59 13.10 11.91
CA LEU A 281 13.13 11.79 11.41
C LEU A 281 11.76 12.04 10.79
N PHE A 282 11.37 11.38 9.72
CA PHE A 282 10.04 11.53 9.10
C PHE A 282 9.54 10.11 8.75
N LEU A 283 8.45 9.63 9.31
CA LEU A 283 8.06 8.27 8.85
C LEU A 283 7.18 8.45 7.59
N ALA A 284 7.28 7.43 6.75
CA ALA A 284 6.55 7.37 5.46
C ALA A 284 6.21 5.90 5.23
N GLY A 285 4.93 5.74 4.89
CA GLY A 285 4.46 4.37 4.64
C GLY A 285 4.24 3.55 5.88
N ASP A 286 4.25 2.25 5.67
CA ASP A 286 4.00 1.23 6.69
C ASP A 286 4.75 1.46 7.99
N ALA A 287 5.59 2.46 8.02
CA ALA A 287 6.37 2.75 9.22
C ALA A 287 5.46 3.52 10.15
N ALA A 288 4.62 4.30 9.52
CA ALA A 288 3.67 5.19 10.16
C ALA A 288 2.27 4.71 10.39
N HIS A 289 1.73 3.92 9.48
CA HIS A 289 0.35 3.45 9.55
C HIS A 289 0.15 2.15 8.80
N ILE A 290 -0.92 1.47 9.18
CA ILE A 290 -1.26 0.16 8.55
C ILE A 290 -2.78 0.21 8.37
N VAL A 291 -3.22 -0.06 7.15
CA VAL A 291 -4.61 -0.10 6.74
C VAL A 291 -4.89 -1.50 6.14
N PRO A 292 -6.03 -2.04 6.52
CA PRO A 292 -6.49 -3.33 6.00
C PRO A 292 -6.39 -3.26 4.48
N PRO A 293 -6.05 -4.37 3.83
CA PRO A 293 -5.84 -4.45 2.40
C PRO A 293 -7.04 -4.16 1.53
N THR A 294 -8.20 -4.42 2.12
CA THR A 294 -9.48 -4.25 1.41
C THR A 294 -9.92 -3.01 0.72
N GLY A 295 -9.40 -1.83 0.73
CA GLY A 295 -9.88 -0.69 -0.07
C GLY A 295 -8.77 -0.24 -1.02
N ALA A 296 -7.85 -1.16 -1.32
CA ALA A 296 -6.69 -0.99 -2.18
C ALA A 296 -5.94 0.29 -1.80
N LYS A 297 -5.65 0.40 -0.52
CA LYS A 297 -4.93 1.55 0.07
C LYS A 297 -3.70 1.00 0.77
N GLY A 298 -2.74 1.89 0.99
CA GLY A 298 -1.53 1.35 1.69
C GLY A 298 -0.30 1.78 0.89
N LEU A 299 -0.34 1.41 -0.37
CA LEU A 299 0.77 1.80 -1.24
C LEU A 299 0.35 3.21 -1.69
N ASN A 300 -0.93 3.28 -1.94
CA ASN A 300 -1.60 4.51 -2.38
C ASN A 300 -1.50 5.49 -1.22
N LEU A 301 -1.36 4.90 -0.03
CA LEU A 301 -1.27 5.68 1.21
C LEU A 301 0.11 6.28 1.30
N ALA A 302 1.08 5.44 1.10
CA ALA A 302 2.50 5.79 1.14
C ALA A 302 2.90 6.77 0.04
N ALA A 303 2.20 6.74 -1.08
CA ALA A 303 2.52 7.65 -2.19
C ALA A 303 2.17 9.08 -1.79
N SER A 304 0.93 9.24 -1.30
CA SER A 304 0.42 10.55 -0.88
C SER A 304 1.20 11.20 0.24
N ASP A 305 2.01 10.45 0.93
CA ASP A 305 2.78 11.07 2.05
C ASP A 305 4.23 11.26 1.64
N VAL A 306 4.65 10.39 0.74
CA VAL A 306 5.99 10.44 0.15
C VAL A 306 5.99 11.77 -0.65
N SER A 307 4.79 12.14 -1.05
CA SER A 307 4.54 13.35 -1.85
C SER A 307 4.82 14.61 -1.05
N THR A 308 4.23 14.71 0.12
CA THR A 308 4.41 15.84 1.03
C THR A 308 5.85 15.81 1.55
N LEU A 309 6.32 14.60 1.89
CA LEU A 309 7.71 14.53 2.40
C LEU A 309 8.64 15.24 1.41
N TYR A 310 8.45 14.95 0.12
CA TYR A 310 9.23 15.51 -0.98
C TYR A 310 8.98 16.98 -1.29
N ARG A 311 7.73 17.41 -1.40
CA ARG A 311 7.53 18.84 -1.71
C ARG A 311 8.07 19.58 -0.49
N LEU A 312 7.78 19.07 0.70
CA LEU A 312 8.28 19.77 1.91
C LEU A 312 9.80 19.84 1.86
N LEU A 313 10.43 18.84 1.32
CA LEU A 313 11.89 18.88 1.22
C LEU A 313 12.34 19.87 0.15
N LEU A 314 11.57 20.07 -0.90
CA LEU A 314 11.98 21.02 -1.95
C LEU A 314 12.22 22.35 -1.25
N LYS A 315 11.12 22.96 -0.85
CA LYS A 315 11.20 24.25 -0.14
C LYS A 315 12.30 24.29 0.91
N ALA A 316 12.60 23.25 1.66
CA ALA A 316 13.67 23.36 2.68
C ALA A 316 14.93 23.72 1.91
N TYR A 317 15.30 22.74 1.09
CA TYR A 317 16.48 22.83 0.25
C TYR A 317 16.52 24.05 -0.66
N ARG A 318 15.68 23.96 -1.69
CA ARG A 318 15.56 24.94 -2.77
C ARG A 318 15.01 26.29 -2.40
N GLU A 319 14.04 26.43 -1.54
CA GLU A 319 13.58 27.83 -1.32
C GLU A 319 14.32 28.61 -0.28
N GLY A 320 14.32 28.18 0.96
CA GLY A 320 15.09 28.89 2.01
C GLY A 320 14.63 28.27 3.32
N ARG A 321 13.31 28.19 3.32
CA ARG A 321 12.53 27.71 4.44
C ARG A 321 11.72 26.45 4.37
N GLY A 322 11.48 25.94 5.57
CA GLY A 322 10.70 24.73 5.72
C GLY A 322 10.46 24.29 7.14
N GLU A 323 9.87 25.15 7.96
CA GLU A 323 9.55 24.66 9.33
C GLU A 323 8.13 24.12 9.03
N LEU A 324 7.82 24.33 7.77
CA LEU A 324 6.65 23.96 7.00
C LEU A 324 6.71 22.43 7.11
N LEU A 325 7.99 22.09 7.33
CA LEU A 325 8.37 20.65 7.46
C LEU A 325 7.94 20.21 8.85
N GLU A 326 7.31 21.05 9.63
CA GLU A 326 6.83 20.62 10.96
C GLU A 326 5.35 20.29 10.65
N ARG A 327 4.84 21.11 9.72
CA ARG A 327 3.42 20.92 9.31
C ARG A 327 3.23 19.67 8.45
N TYR A 328 4.20 18.78 8.42
CA TYR A 328 4.03 17.55 7.60
C TYR A 328 3.02 16.58 8.19
N SER A 329 3.28 16.05 9.36
CA SER A 329 2.38 15.06 9.98
C SER A 329 0.93 15.57 9.96
N ALA A 330 0.76 16.86 9.74
CA ALA A 330 -0.52 17.56 9.75
C ALA A 330 -1.36 17.35 8.50
N ILE A 331 -0.70 17.47 7.39
CA ILE A 331 -1.29 17.29 6.07
C ILE A 331 -1.68 15.83 5.84
N CYS A 332 -0.73 14.95 6.09
CA CYS A 332 -0.72 13.51 5.93
C CYS A 332 -1.68 12.72 6.81
N LEU A 333 -1.90 13.22 7.99
CA LEU A 333 -2.76 12.59 9.02
C LEU A 333 -4.21 12.81 8.65
N ARG A 334 -4.49 13.87 7.89
CA ARG A 334 -5.85 14.21 7.45
C ARG A 334 -6.43 13.07 6.60
N ARG A 335 -5.68 12.79 5.56
CA ARG A 335 -5.83 11.79 4.53
C ARG A 335 -5.67 10.38 5.06
N ILE A 336 -4.72 10.14 5.96
CA ILE A 336 -4.55 8.77 6.47
C ILE A 336 -5.81 8.31 7.17
N TRP A 337 -6.48 9.22 7.82
CA TRP A 337 -7.68 8.87 8.59
C TRP A 337 -8.88 8.72 7.66
N LYS A 338 -9.12 9.62 6.74
CA LYS A 338 -10.33 9.36 5.92
C LYS A 338 -10.14 8.01 5.23
N ALA A 339 -8.89 7.68 4.96
CA ALA A 339 -8.45 6.45 4.30
C ALA A 339 -8.53 5.27 5.26
N GLU A 340 -8.15 5.46 6.51
CA GLU A 340 -8.24 4.39 7.52
C GLU A 340 -9.73 3.98 7.64
N ARG A 341 -10.59 4.98 7.79
CA ARG A 341 -12.05 4.93 7.86
C ARG A 341 -12.50 4.13 6.64
N PHE A 342 -12.40 4.60 5.42
CA PHE A 342 -12.81 3.92 4.19
C PHE A 342 -12.45 2.44 4.18
N SER A 343 -11.34 2.06 4.71
CA SER A 343 -10.71 0.76 4.87
C SER A 343 -11.33 -0.24 5.81
N TRP A 344 -11.85 0.24 6.92
CA TRP A 344 -12.56 -0.54 7.96
C TRP A 344 -14.00 -0.81 7.55
N TRP A 345 -14.63 0.23 6.98
CA TRP A 345 -16.02 0.14 6.49
C TRP A 345 -16.00 -1.01 5.47
N MET A 346 -15.15 -0.87 4.48
CA MET A 346 -14.99 -1.91 3.43
C MET A 346 -14.75 -3.23 4.13
N THR A 347 -13.71 -3.22 4.96
CA THR A 347 -13.34 -4.40 5.73
C THR A 347 -14.56 -4.99 6.38
N SER A 348 -15.29 -4.19 7.14
CA SER A 348 -16.47 -4.68 7.85
C SER A 348 -17.76 -4.82 7.09
N VAL A 349 -17.97 -4.42 5.86
CA VAL A 349 -19.27 -4.65 5.21
C VAL A 349 -19.13 -5.96 4.43
N LEU A 350 -17.96 -6.28 3.96
CA LEU A 350 -17.56 -7.43 3.17
C LEU A 350 -17.06 -8.65 3.95
N HIS A 351 -16.46 -8.43 5.11
CA HIS A 351 -15.92 -9.57 5.90
C HIS A 351 -16.96 -10.23 6.77
N ARG A 352 -16.64 -11.42 7.24
CA ARG A 352 -17.57 -12.19 8.09
C ARG A 352 -16.81 -12.58 9.38
N PHE A 353 -17.21 -11.75 10.33
CA PHE A 353 -16.71 -11.74 11.70
C PHE A 353 -17.41 -12.83 12.52
N PRO A 354 -16.66 -13.40 13.43
CA PRO A 354 -17.16 -14.42 14.36
C PRO A 354 -17.85 -13.64 15.49
N ASP A 355 -19.16 -13.46 15.33
CA ASP A 355 -19.87 -12.70 16.36
C ASP A 355 -21.33 -12.38 16.09
N THR A 356 -21.45 -11.67 14.99
CA THR A 356 -22.76 -11.19 14.56
C THR A 356 -23.91 -12.03 15.11
N ASP A 357 -24.86 -11.21 15.49
CA ASP A 357 -26.18 -11.60 16.03
C ASP A 357 -26.98 -11.24 14.78
N ALA A 358 -28.17 -11.78 14.64
CA ALA A 358 -28.97 -11.49 13.42
C ALA A 358 -29.19 -9.99 13.27
N PHE A 359 -28.58 -9.13 14.04
CA PHE A 359 -28.80 -7.68 13.89
C PHE A 359 -27.59 -7.07 13.18
N SER A 360 -26.46 -7.51 13.71
CA SER A 360 -25.13 -7.06 13.23
C SER A 360 -24.98 -7.49 11.78
N GLN A 361 -25.45 -8.71 11.47
CA GLN A 361 -25.41 -9.23 10.09
C GLN A 361 -26.63 -8.68 9.32
N ARG A 362 -27.69 -8.31 10.01
CA ARG A 362 -28.90 -7.75 9.43
C ARG A 362 -28.56 -6.32 8.98
N ILE A 363 -27.73 -5.73 9.82
CA ILE A 363 -27.19 -4.41 9.64
C ILE A 363 -26.21 -4.40 8.46
N GLN A 364 -25.36 -5.39 8.46
CA GLN A 364 -24.30 -5.67 7.50
C GLN A 364 -24.77 -5.85 6.07
N GLN A 365 -25.89 -6.51 5.89
CA GLN A 365 -26.58 -6.82 4.64
C GLN A 365 -27.26 -5.59 4.06
N THR A 366 -27.96 -4.87 4.92
CA THR A 366 -28.72 -3.65 4.65
C THR A 366 -27.92 -2.43 4.23
N GLU A 367 -26.72 -2.34 4.76
CA GLU A 367 -25.79 -1.26 4.46
C GLU A 367 -25.26 -1.49 3.05
N LEU A 368 -25.12 -2.75 2.69
CA LEU A 368 -24.64 -3.06 1.32
C LEU A 368 -25.75 -2.73 0.32
N GLU A 369 -26.94 -3.16 0.76
CA GLU A 369 -28.16 -2.92 -0.02
C GLU A 369 -28.27 -1.40 -0.24
N TYR A 370 -28.17 -0.64 0.83
CA TYR A 370 -28.24 0.80 0.85
C TYR A 370 -27.13 1.45 0.02
N TYR A 371 -25.86 1.21 0.31
CA TYR A 371 -24.79 1.84 -0.47
C TYR A 371 -24.73 1.41 -1.93
N LEU A 372 -25.00 0.15 -2.20
CA LEU A 372 -24.93 -0.35 -3.59
C LEU A 372 -26.16 0.07 -4.42
N GLY A 373 -27.11 0.62 -3.70
CA GLY A 373 -28.39 1.09 -4.19
C GLY A 373 -28.58 2.58 -4.40
N SER A 374 -28.24 3.35 -3.40
CA SER A 374 -28.36 4.82 -3.39
C SER A 374 -27.29 5.35 -4.33
N GLU A 375 -27.54 6.48 -4.95
CA GLU A 375 -26.59 7.10 -5.90
C GLU A 375 -25.60 7.96 -5.11
N ALA A 376 -26.14 8.38 -3.97
CA ALA A 376 -25.42 9.20 -2.98
C ALA A 376 -24.64 8.11 -2.27
N GLY A 377 -25.26 6.95 -2.14
CA GLY A 377 -24.58 5.81 -1.49
C GLY A 377 -23.30 5.41 -2.19
N LEU A 378 -23.50 5.16 -3.48
CA LEU A 378 -22.54 4.72 -4.50
C LEU A 378 -21.43 5.74 -4.67
N ALA A 379 -21.75 7.01 -4.78
CA ALA A 379 -20.71 8.05 -4.95
C ALA A 379 -19.82 8.24 -3.71
N THR A 380 -20.19 7.65 -2.57
CA THR A 380 -19.36 7.81 -1.37
C THR A 380 -18.25 6.72 -1.41
N ILE A 381 -18.62 5.67 -2.13
CA ILE A 381 -17.80 4.50 -2.34
C ILE A 381 -16.80 4.97 -3.42
N ALA A 382 -17.36 5.22 -4.59
CA ALA A 382 -16.50 5.67 -5.69
C ALA A 382 -15.48 6.69 -5.23
N GLU A 383 -15.88 7.83 -4.76
CA GLU A 383 -15.04 8.95 -4.30
C GLU A 383 -13.86 8.45 -3.48
N ASN A 384 -14.01 7.60 -2.51
CA ASN A 384 -12.97 7.05 -1.66
C ASN A 384 -12.10 5.95 -2.27
N TYR A 385 -12.70 5.17 -3.13
CA TYR A 385 -11.98 4.09 -3.81
C TYR A 385 -10.90 4.63 -4.71
N VAL A 386 -11.21 5.59 -5.55
CA VAL A 386 -10.27 6.17 -6.52
C VAL A 386 -9.22 7.01 -5.79
N GLY A 387 -9.66 7.61 -4.70
CA GLY A 387 -8.76 8.44 -3.87
C GLY A 387 -9.46 9.75 -3.50
N LEU A 388 -9.27 10.13 -2.23
CA LEU A 388 -9.93 11.42 -1.86
C LEU A 388 -8.96 12.42 -2.47
N PRO A 389 -9.27 13.69 -2.37
CA PRO A 389 -8.37 14.71 -2.96
C PRO A 389 -7.06 14.58 -2.22
N TYR A 390 -6.02 15.23 -2.69
CA TYR A 390 -4.70 15.13 -2.09
C TYR A 390 -4.19 16.10 -1.04
N GLU A 391 -3.99 17.38 -1.34
CA GLU A 391 -3.39 18.20 -0.30
C GLU A 391 -2.81 19.58 -0.55
N GLU A 392 -3.03 20.40 0.45
CA GLU A 392 -2.67 21.77 0.68
C GLU A 392 -1.30 22.30 0.30
N ILE A 393 -0.46 22.40 1.32
CA ILE A 393 0.91 22.87 1.32
C ILE A 393 0.96 24.40 1.20
N GLU A 394 2.11 24.88 1.60
CA GLU A 394 2.57 26.26 1.64
C GLU A 394 2.61 26.73 3.10
PA FAD B . 7.62 -2.36 2.50
O1A FAD B . 6.92 -2.94 1.28
O2A FAD B . 7.59 -3.14 3.78
O5B FAD B . 9.18 -2.04 2.27
C5B FAD B . 9.97 -1.61 3.46
C4B FAD B . 11.43 -1.78 3.06
O4B FAD B . 12.27 -1.45 4.19
C3B FAD B . 11.81 -3.24 2.68
O3B FAD B . 12.65 -3.18 1.52
C2B FAD B . 12.68 -3.76 3.82
O2B FAD B . 13.71 -4.64 3.47
C1B FAD B . 13.27 -2.43 4.33
N9A FAD B . 13.68 -2.53 5.75
C8A FAD B . 12.97 -3.13 6.78
N7A FAD B . 13.60 -2.96 7.94
C5A FAD B . 14.75 -2.29 7.66
C6A FAD B . 15.82 -1.86 8.43
N6A FAD B . 15.88 -2.04 9.77
N1A FAD B . 16.81 -1.19 7.80
C2A FAD B . 16.78 -0.96 6.43
N3A FAD B . 15.82 -1.36 5.63
C4A FAD B . 14.83 -2.02 6.25
N1 FAD B . -2.20 -1.24 -1.69
C2 FAD B . -2.79 -0.69 -2.82
O2 FAD B . -2.75 0.46 -3.13
N3 FAD B . -3.48 -1.51 -3.66
C4 FAD B . -3.63 -2.89 -3.46
O4 FAD B . -4.28 -3.49 -4.30
C4X FAD B . -2.99 -3.43 -2.22
N5 FAD B . -3.13 -4.68 -2.00
C5X FAD B . -2.57 -5.22 -0.89
C6 FAD B . -2.77 -6.61 -0.73
C7 FAD B . -2.24 -7.27 0.33
C7M FAD B . -2.45 -8.75 0.51
C8 FAD B . -1.46 -6.48 1.27
C8M FAD B . -0.84 -7.19 2.49
C9 FAD B . -1.27 -5.18 1.11
C9A FAD B . -1.82 -4.45 0.04
N10 FAD B . -1.67 -3.08 -0.24
C10 FAD B . -2.27 -2.56 -1.36
C1' FAD B . -0.69 -2.25 0.57
C2' FAD B . 0.80 -2.43 0.42
O2' FAD B . 1.14 -3.76 0.93
C3' FAD B . 1.71 -1.51 1.18
O3' FAD B . 1.02 -0.41 1.75
C4' FAD B . 2.87 -0.95 0.42
O4' FAD B . 3.80 -1.99 0.05
C5' FAD B . 3.67 0.04 1.33
O5' FAD B . 4.98 -0.53 1.50
P FAD B . 6.09 0.17 2.29
O1P FAD B . 6.91 1.03 1.48
O2P FAD B . 5.82 0.82 3.53
O3P FAD B . 7.20 -0.92 2.75
C1 DHB C . -5.68 -6.45 -4.70
C2 DHB C . -5.56 -6.11 -3.38
C3 DHB C . -6.60 -5.48 -2.70
O3 DHB C . -6.38 -5.20 -1.39
C4 DHB C . -7.79 -5.17 -3.35
O4 DHB C . -8.77 -4.57 -2.64
C5 DHB C . -7.94 -5.51 -4.70
C6 DHB C . -6.89 -6.15 -5.36
C DHB C . -4.57 -7.13 -5.37
O1 DHB C . -4.69 -7.48 -6.64
O2 DHB C . -3.53 -7.43 -4.80
#